data_6EUG
#
_entry.id   6EUG
#
_cell.length_a   135.402
_cell.length_b   135.402
_cell.length_c   51.695
_cell.angle_alpha   90.00
_cell.angle_beta   90.00
_cell.angle_gamma   120.00
#
_symmetry.space_group_name_H-M   'H 3'
#
loop_
_entity.id
_entity.type
_entity.pdbx_description
1 polymer Beta-glucanase
2 non-polymer GLUCOIMIDAZOLE
3 water water
#
_entity_poly.entity_id   1
_entity_poly.type   'polypeptide(L)'
_entity_poly.pdbx_seq_one_letter_code
;MGSSHHHHHHSSGLVPRGSHMASQKEKGIASGKVWRDTDGNVINAHGGGILFHEGKYYWFGEHRPASGFVTEKGINCYSS
TDLYNWKSEGIALAVSEEEGHDIEKGCIMERPKVIYNAKTGKFVMWLHLELKGQGYGPARAAVAVSDSPAGPYRFIRSGR
VNPGAYPLNMTRKERKMKWNPEEYKEWWTPKWYEAIAKGMFVKRDLKDGQMSRDMTLFVDDDGKAYHIYSSEDNLTLQIA
ELADDYLSHTGKYIRIFPGGHNEAPAIFKKEGTYWMITSGCTGWDPNKARLLTADSMLGEWKQLPNPCVGEDADKTFGGQ
STYILPLPEKGQFFFMADMWRPKSLADSRYIWLPVQFDDKGVPFIKWMDRWNFD
;
_entity_poly.pdbx_strand_id   A
#
loop_
_chem_comp.id
_chem_comp.type
_chem_comp.name
_chem_comp.formula
GIM non-polymer GLUCOIMIDAZOLE 'C8 H13 N2 O4 1'
#
# COMPACT_ATOMS: atom_id res chain seq x y z
N GLY A 28 2.78 16.53 21.21
CA GLY A 28 3.48 16.67 19.91
C GLY A 28 3.68 15.34 19.21
N ILE A 29 3.79 15.43 17.87
CA ILE A 29 4.16 14.31 17.00
C ILE A 29 5.67 14.39 16.76
N ALA A 30 6.42 13.45 17.33
CA ALA A 30 7.88 13.46 17.27
C ALA A 30 8.41 12.34 16.36
N SER A 31 8.57 12.65 15.08
CA SER A 31 8.94 11.63 14.08
C SER A 31 10.31 11.00 14.42
N GLY A 32 10.39 9.68 14.27
CA GLY A 32 11.61 8.91 14.50
C GLY A 32 11.92 8.48 15.91
N LYS A 33 11.16 8.99 16.89
CA LYS A 33 11.33 8.60 18.29
C LYS A 33 10.54 7.33 18.60
N VAL A 34 10.82 6.72 19.76
CA VAL A 34 10.04 5.57 20.24
C VAL A 34 8.66 6.02 20.70
N TRP A 35 7.58 5.49 20.09
CA TRP A 35 6.22 5.81 20.53
C TRP A 35 5.64 4.63 21.29
N ARG A 36 4.95 4.92 22.40
CA ARG A 36 4.35 3.91 23.27
C ARG A 36 2.86 4.10 23.43
N ASP A 37 2.18 2.98 23.70
CA ASP A 37 0.75 2.99 23.88
C ASP A 37 0.38 3.42 25.32
N THR A 38 -0.90 3.42 25.63
CA THR A 38 -1.39 3.80 26.96
C THR A 38 -0.96 2.87 28.10
N ASP A 39 -0.59 1.64 27.79
CA ASP A 39 0.01 0.74 28.78
C ASP A 39 1.52 0.90 28.92
N GLY A 40 2.14 1.72 28.08
CA GLY A 40 3.60 1.89 28.11
C GLY A 40 4.38 0.96 27.21
N ASN A 41 3.72 0.24 26.31
CA ASN A 41 4.38 -0.71 25.41
C ASN A 41 4.63 -0.08 24.04
N VAL A 42 5.77 -0.40 23.43
CA VAL A 42 6.11 0.16 22.11
C VAL A 42 4.98 -0.16 21.08
N ILE A 43 4.57 0.85 20.29
CA ILE A 43 3.54 0.66 19.27
C ILE A 43 4.13 -0.17 18.14
N ASN A 44 3.42 -1.23 17.76
CA ASN A 44 3.85 -2.21 16.75
C ASN A 44 2.79 -2.31 15.66
N ALA A 45 2.88 -1.40 14.65
CA ALA A 45 1.89 -1.24 13.59
C ALA A 45 2.57 -0.65 12.35
N HIS A 46 3.40 -1.48 11.73
CA HIS A 46 4.27 -1.04 10.60
C HIS A 46 3.55 -1.23 9.23
N GLY A 47 3.95 -0.47 8.21
CA GLY A 47 3.29 -0.53 6.91
C GLY A 47 1.80 -0.23 7.01
N GLY A 48 1.43 0.70 7.89
CA GLY A 48 0.04 0.82 8.33
C GLY A 48 -0.82 1.80 7.56
N GLY A 49 -2.02 1.98 8.07
CA GLY A 49 -2.98 3.01 7.62
C GLY A 49 -4.06 3.21 8.67
N ILE A 50 -4.88 4.26 8.51
CA ILE A 50 -5.81 4.72 9.53
C ILE A 50 -7.20 4.96 8.93
N LEU A 51 -8.23 4.63 9.70
CA LEU A 51 -9.58 5.17 9.43
C LEU A 51 -10.26 5.74 10.68
N PHE A 52 -11.34 6.51 10.46
CA PHE A 52 -12.14 7.12 11.53
C PHE A 52 -13.55 6.53 11.51
N HIS A 53 -14.04 6.09 12.68
CA HIS A 53 -15.39 5.55 12.81
C HIS A 53 -15.99 5.75 14.19
N GLU A 54 -17.22 6.25 14.23
CA GLU A 54 -17.95 6.48 15.47
C GLU A 54 -17.08 7.20 16.54
N GLY A 55 -16.38 8.26 16.11
CA GLY A 55 -15.68 9.16 17.03
C GLY A 55 -14.24 8.80 17.36
N LYS A 56 -13.70 7.70 16.79
CA LYS A 56 -12.32 7.25 17.06
C LYS A 56 -11.53 6.91 15.79
N TYR A 57 -10.24 7.16 15.83
CA TYR A 57 -9.27 6.71 14.84
C TYR A 57 -8.81 5.27 15.17
N TYR A 58 -8.75 4.42 14.16
CA TYR A 58 -8.16 3.07 14.21
C TYR A 58 -6.96 2.98 13.28
N TRP A 59 -5.83 2.53 13.85
CA TRP A 59 -4.53 2.37 13.16
C TRP A 59 -4.26 0.88 13.06
N PHE A 60 -4.26 0.34 11.84
CA PHE A 60 -3.88 -1.05 11.57
C PHE A 60 -2.49 -1.16 10.99
N GLY A 61 -1.72 -2.19 11.39
CA GLY A 61 -0.39 -2.40 10.79
C GLY A 61 0.17 -3.79 11.10
N GLU A 62 1.35 -4.05 10.53
CA GLU A 62 2.09 -5.32 10.71
C GLU A 62 2.62 -5.42 12.14
N HIS A 63 2.35 -6.56 12.80
CA HIS A 63 3.05 -6.89 14.04
C HIS A 63 4.39 -7.54 13.65
N ARG A 64 5.49 -6.82 13.89
CA ARG A 64 6.80 -7.28 13.52
C ARG A 64 7.55 -7.86 14.72
N PRO A 65 8.45 -8.83 14.46
CA PRO A 65 9.29 -9.44 15.48
C PRO A 65 10.55 -8.58 15.80
N ALA A 66 11.15 -8.80 16.96
CA ALA A 66 12.41 -8.14 17.38
C ALA A 66 13.61 -8.74 16.69
N SER A 67 13.49 -9.98 16.21
CA SER A 67 14.55 -10.67 15.45
C SER A 67 13.87 -11.47 14.32
N GLY A 68 14.45 -11.47 13.11
CA GLY A 68 13.83 -12.04 11.91
C GLY A 68 12.88 -10.99 11.29
N PHE A 69 12.03 -11.43 10.36
N PHE A 69 12.10 -11.44 10.31
CA PHE A 69 11.10 -10.51 9.65
CA PHE A 69 11.23 -10.58 9.49
C PHE A 69 9.66 -10.94 9.47
C PHE A 69 9.73 -10.96 9.57
N VAL A 70 9.40 -12.25 9.44
CA VAL A 70 8.01 -12.72 9.25
C VAL A 70 7.21 -12.59 10.57
N THR A 71 5.98 -12.07 10.49
CA THR A 71 5.16 -11.94 11.69
C THR A 71 4.97 -13.28 12.40
N GLU A 72 4.96 -13.18 13.73
CA GLU A 72 4.52 -14.27 14.60
C GLU A 72 2.99 -14.24 14.89
N LYS A 73 2.30 -13.14 14.56
CA LYS A 73 0.96 -12.87 15.06
C LYS A 73 -0.10 -12.44 14.05
N GLY A 74 0.28 -11.61 13.06
CA GLY A 74 -0.70 -11.04 12.09
C GLY A 74 -0.75 -9.51 12.08
N ILE A 75 -1.96 -8.98 11.98
CA ILE A 75 -2.22 -7.54 11.82
C ILE A 75 -2.74 -6.97 13.15
N ASN A 76 -2.00 -5.98 13.68
CA ASN A 76 -2.28 -5.34 14.98
C ASN A 76 -3.18 -4.12 14.79
N CYS A 77 -3.89 -3.72 15.84
CA CYS A 77 -4.75 -2.51 15.84
C CYS A 77 -4.61 -1.67 17.12
N TYR A 78 -4.56 -0.35 16.93
CA TYR A 78 -4.58 0.67 18.03
C TYR A 78 -5.71 1.67 17.78
N SER A 79 -6.25 2.26 18.87
CA SER A 79 -7.34 3.27 18.72
C SER A 79 -7.02 4.56 19.48
N SER A 80 -7.61 5.68 19.03
CA SER A 80 -7.38 7.00 19.66
C SER A 80 -8.51 7.98 19.36
N THR A 81 -8.83 8.87 20.30
CA THR A 81 -9.76 9.97 19.99
C THR A 81 -8.98 11.22 19.50
N ASP A 82 -7.67 11.27 19.71
CA ASP A 82 -6.89 12.53 19.57
C ASP A 82 -5.63 12.50 18.66
N LEU A 83 -5.30 11.32 18.12
CA LEU A 83 -4.08 11.06 17.33
C LEU A 83 -2.72 11.13 18.09
N TYR A 84 -2.78 11.28 19.43
CA TYR A 84 -1.58 11.31 20.28
C TYR A 84 -1.48 10.10 21.20
N ASN A 85 -2.62 9.73 21.81
CA ASN A 85 -2.68 8.67 22.83
C ASN A 85 -3.37 7.42 22.23
N TRP A 86 -2.62 6.33 22.14
CA TRP A 86 -3.05 5.12 21.41
C TRP A 86 -3.26 3.94 22.38
N LYS A 87 -4.49 3.42 22.41
CA LYS A 87 -4.86 2.22 23.17
C LYS A 87 -4.69 0.93 22.31
N SER A 88 -3.98 -0.06 22.84
CA SER A 88 -3.89 -1.36 22.20
C SER A 88 -5.24 -2.08 22.15
N GLU A 89 -5.69 -2.43 20.93
CA GLU A 89 -6.94 -3.18 20.75
C GLU A 89 -6.69 -4.66 20.44
N GLY A 90 -5.42 -5.07 20.37
CA GLY A 90 -5.08 -6.46 20.06
C GLY A 90 -4.96 -6.72 18.58
N ILE A 91 -4.75 -8.00 18.27
CA ILE A 91 -4.57 -8.49 16.90
C ILE A 91 -5.93 -8.58 16.22
N ALA A 92 -6.12 -7.77 15.17
CA ALA A 92 -7.38 -7.65 14.41
C ALA A 92 -7.54 -8.79 13.41
N LEU A 93 -6.45 -9.19 12.74
CA LEU A 93 -6.47 -10.38 11.85
C LEU A 93 -5.29 -11.26 12.22
N ALA A 94 -5.60 -12.37 12.87
CA ALA A 94 -4.59 -13.32 13.37
C ALA A 94 -4.17 -14.35 12.31
N VAL A 95 -2.90 -14.77 12.38
CA VAL A 95 -2.50 -15.97 11.63
C VAL A 95 -3.33 -17.17 12.12
N SER A 96 -3.57 -18.12 11.21
CA SER A 96 -4.41 -19.31 11.48
C SER A 96 -3.62 -20.47 12.12
N GLU A 97 -4.30 -21.23 12.99
CA GLU A 97 -3.74 -22.45 13.55
C GLU A 97 -4.08 -23.70 12.68
N GLU A 98 -4.77 -23.53 11.57
CA GLU A 98 -5.13 -24.66 10.68
C GLU A 98 -4.03 -25.01 9.66
N GLU A 99 -3.60 -26.27 9.64
CA GLU A 99 -2.60 -26.74 8.68
C GLU A 99 -3.06 -26.53 7.24
N GLY A 100 -2.16 -25.95 6.46
CA GLY A 100 -2.36 -25.68 5.04
C GLY A 100 -3.23 -24.48 4.67
N HIS A 101 -3.70 -23.73 5.66
CA HIS A 101 -4.57 -22.55 5.43
C HIS A 101 -3.75 -21.43 4.77
N ASP A 102 -4.41 -20.61 3.95
CA ASP A 102 -3.70 -19.53 3.24
C ASP A 102 -2.99 -18.60 4.23
N ILE A 103 -3.59 -18.30 5.39
CA ILE A 103 -2.94 -17.44 6.41
C ILE A 103 -2.40 -18.19 7.63
N GLU A 104 -2.01 -19.45 7.43
CA GLU A 104 -1.39 -20.24 8.50
C GLU A 104 -0.12 -19.57 9.02
N LYS A 105 0.14 -19.75 10.32
CA LYS A 105 1.36 -19.20 10.93
C LYS A 105 2.59 -19.63 10.10
N GLY A 106 3.46 -18.66 9.83
CA GLY A 106 4.57 -18.80 8.89
C GLY A 106 4.37 -18.05 7.59
N CYS A 107 3.12 -17.68 7.27
CA CYS A 107 2.86 -16.80 6.11
C CYS A 107 3.34 -15.35 6.33
N ILE A 108 3.57 -14.61 5.24
CA ILE A 108 3.91 -13.18 5.32
C ILE A 108 2.62 -12.36 5.12
N MET A 109 2.39 -11.41 6.02
N MET A 109 2.35 -11.43 6.04
CA MET A 109 1.25 -10.50 5.96
CA MET A 109 1.22 -10.49 6.01
C MET A 109 1.80 -9.08 6.06
C MET A 109 1.79 -9.07 6.07
N GLU A 110 1.67 -8.30 4.97
CA GLU A 110 2.21 -6.93 4.86
C GLU A 110 1.22 -5.88 4.35
N ARG A 111 1.47 -4.65 4.79
CA ARG A 111 0.80 -3.46 4.28
C ARG A 111 -0.72 -3.53 4.32
N PRO A 112 -1.29 -3.91 5.49
CA PRO A 112 -2.74 -3.94 5.58
C PRO A 112 -3.41 -2.58 5.43
N LYS A 113 -4.62 -2.58 4.90
CA LYS A 113 -5.47 -1.38 4.81
C LYS A 113 -6.92 -1.80 5.08
N VAL A 114 -7.65 -0.91 5.74
CA VAL A 114 -9.08 -1.12 6.04
C VAL A 114 -9.91 0.04 5.51
N ILE A 115 -11.03 -0.31 4.87
CA ILE A 115 -12.05 0.63 4.39
C ILE A 115 -13.46 0.23 4.86
N TYR A 116 -14.32 1.23 5.06
CA TYR A 116 -15.69 0.99 5.50
C TYR A 116 -16.59 1.02 4.31
N ASN A 117 -17.44 0.00 4.16
CA ASN A 117 -18.38 -0.04 3.04
C ASN A 117 -19.70 0.46 3.54
N ALA A 118 -20.09 1.66 3.09
CA ALA A 118 -21.36 2.29 3.56
C ALA A 118 -22.62 1.48 3.22
N LYS A 119 -22.63 0.85 2.03
CA LYS A 119 -23.78 0.04 1.56
C LYS A 119 -24.06 -1.23 2.39
N THR A 120 -23.01 -2.01 2.70
CA THR A 120 -23.14 -3.22 3.54
C THR A 120 -23.00 -3.01 5.05
N GLY A 121 -22.42 -1.88 5.44
CA GLY A 121 -22.08 -1.59 6.84
C GLY A 121 -20.92 -2.44 7.37
N LYS A 122 -20.12 -3.04 6.50
CA LYS A 122 -18.98 -3.89 6.94
C LYS A 122 -17.63 -3.18 6.83
N PHE A 123 -16.67 -3.61 7.65
CA PHE A 123 -15.26 -3.20 7.51
C PHE A 123 -14.48 -4.25 6.71
N VAL A 124 -13.79 -3.79 5.66
CA VAL A 124 -13.11 -4.69 4.74
C VAL A 124 -11.59 -4.39 4.78
N MET A 125 -10.81 -5.42 5.13
CA MET A 125 -9.33 -5.39 5.14
C MET A 125 -8.74 -6.10 3.91
N TRP A 126 -7.82 -5.40 3.22
CA TRP A 126 -7.02 -6.02 2.19
C TRP A 126 -5.56 -5.96 2.65
N LEU A 127 -4.78 -6.96 2.26
CA LEU A 127 -3.35 -7.00 2.62
C LEU A 127 -2.55 -7.80 1.59
N HIS A 128 -1.22 -7.61 1.60
CA HIS A 128 -0.26 -8.41 0.82
C HIS A 128 0.01 -9.71 1.55
N LEU A 129 -0.26 -10.84 0.90
CA LEU A 129 -0.02 -12.18 1.44
C LEU A 129 1.03 -12.93 0.61
N GLU A 130 1.99 -13.60 1.28
CA GLU A 130 2.82 -14.61 0.68
C GLU A 130 2.64 -15.91 1.50
N LEU A 131 2.36 -17.00 0.79
CA LEU A 131 2.09 -18.29 1.41
C LEU A 131 3.32 -18.84 2.15
N LYS A 132 3.07 -19.49 3.27
CA LYS A 132 4.11 -20.12 4.10
C LYS A 132 5.04 -20.94 3.25
N GLY A 133 6.33 -20.71 3.46
CA GLY A 133 7.38 -21.51 2.85
C GLY A 133 7.71 -21.20 1.40
N GLN A 134 7.03 -20.20 0.80
CA GLN A 134 7.19 -19.89 -0.62
C GLN A 134 7.92 -18.57 -0.90
N GLY A 135 8.59 -18.00 0.10
CA GLY A 135 9.29 -16.72 -0.07
C GLY A 135 8.32 -15.60 -0.48
N TYR A 136 8.71 -14.78 -1.44
CA TYR A 136 7.81 -13.76 -2.03
C TYR A 136 7.28 -14.18 -3.46
N GLY A 137 7.37 -15.46 -3.78
CA GLY A 137 6.85 -16.00 -5.04
C GLY A 137 5.37 -15.79 -5.35
N PRO A 138 4.47 -16.20 -4.43
CA PRO A 138 3.04 -16.15 -4.77
C PRO A 138 2.44 -14.78 -5.16
N ALA A 139 2.90 -13.68 -4.55
CA ALA A 139 2.50 -12.32 -4.87
C ALA A 139 0.99 -12.15 -4.90
N ARG A 140 0.35 -12.42 -3.75
CA ARG A 140 -1.10 -12.36 -3.63
C ARG A 140 -1.63 -11.15 -2.83
N ALA A 141 -2.89 -10.81 -3.11
CA ALA A 141 -3.68 -9.97 -2.22
C ALA A 141 -4.70 -10.85 -1.51
N ALA A 142 -4.92 -10.55 -0.25
CA ALA A 142 -5.94 -11.24 0.57
C ALA A 142 -7.01 -10.27 1.07
N VAL A 143 -8.23 -10.79 1.34
CA VAL A 143 -9.33 -9.97 1.83
C VAL A 143 -10.01 -10.67 3.04
N ALA A 144 -10.36 -9.84 4.03
CA ALA A 144 -11.02 -10.27 5.25
C ALA A 144 -12.09 -9.21 5.68
N VAL A 145 -13.07 -9.61 6.53
CA VAL A 145 -14.25 -8.77 6.83
C VAL A 145 -14.58 -8.80 8.33
N SER A 146 -15.05 -7.67 8.87
CA SER A 146 -15.50 -7.54 10.26
C SER A 146 -16.78 -6.66 10.36
N ASP A 147 -17.61 -6.95 11.37
CA ASP A 147 -18.72 -6.09 11.75
C ASP A 147 -18.27 -4.86 12.61
N SER A 148 -17.09 -4.95 13.22
CA SER A 148 -16.53 -3.91 14.08
C SER A 148 -15.20 -3.38 13.50
N PRO A 149 -14.83 -2.12 13.80
CA PRO A 149 -13.54 -1.63 13.27
C PRO A 149 -12.32 -2.41 13.83
N ALA A 150 -12.32 -2.76 15.12
CA ALA A 150 -11.14 -3.38 15.76
C ALA A 150 -10.99 -4.87 15.51
N GLY A 151 -12.08 -5.54 15.08
CA GLY A 151 -12.05 -6.98 14.85
C GLY A 151 -12.57 -7.81 16.03
N PRO A 152 -12.51 -9.14 15.95
CA PRO A 152 -11.74 -9.86 14.93
C PRO A 152 -12.32 -9.87 13.50
N TYR A 153 -11.40 -9.85 12.53
CA TYR A 153 -11.69 -10.04 11.13
C TYR A 153 -11.70 -11.53 10.75
N ARG A 154 -12.60 -11.86 9.81
CA ARG A 154 -12.72 -13.21 9.23
C ARG A 154 -12.11 -13.25 7.80
N PHE A 155 -11.08 -14.09 7.62
CA PHE A 155 -10.43 -14.31 6.31
C PHE A 155 -11.46 -14.87 5.32
N ILE A 156 -11.47 -14.32 4.11
CA ILE A 156 -12.33 -14.82 3.03
C ILE A 156 -11.55 -15.59 1.98
N ARG A 157 -10.62 -14.93 1.28
CA ARG A 157 -9.86 -15.59 0.21
C ARG A 157 -8.63 -14.76 -0.18
N SER A 158 -7.74 -15.38 -0.96
CA SER A 158 -6.53 -14.72 -1.47
C SER A 158 -6.28 -15.16 -2.91
N GLY A 159 -5.51 -14.36 -3.64
CA GLY A 159 -5.18 -14.73 -4.99
C GLY A 159 -4.46 -13.61 -5.72
N ARG A 160 -3.93 -13.92 -6.90
CA ARG A 160 -3.50 -12.93 -7.85
C ARG A 160 -4.76 -12.27 -8.47
N VAL A 161 -4.56 -11.16 -9.16
CA VAL A 161 -5.67 -10.25 -9.48
C VAL A 161 -6.19 -10.37 -10.91
N ASN A 162 -7.53 -10.50 -11.04
CA ASN A 162 -8.24 -10.47 -12.32
C ASN A 162 -7.76 -11.53 -13.36
N PRO A 163 -7.73 -12.83 -12.97
CA PRO A 163 -7.41 -13.87 -13.99
C PRO A 163 -8.21 -13.75 -15.29
N GLY A 164 -7.49 -13.84 -16.42
CA GLY A 164 -8.09 -13.79 -17.75
C GLY A 164 -8.38 -12.40 -18.35
N ALA A 165 -8.22 -11.31 -17.57
CA ALA A 165 -8.58 -9.95 -18.04
C ALA A 165 -7.34 -9.14 -18.43
N TYR A 166 -7.44 -8.43 -19.55
CA TYR A 166 -6.44 -7.46 -19.97
C TYR A 166 -6.70 -6.08 -19.36
N PRO A 167 -5.65 -5.28 -19.19
CA PRO A 167 -5.87 -3.90 -18.73
C PRO A 167 -6.65 -3.11 -19.79
N LEU A 168 -7.54 -2.22 -19.35
CA LEU A 168 -8.35 -1.39 -20.25
C LEU A 168 -7.46 -0.55 -21.17
N ASN A 169 -6.29 -0.15 -20.70
CA ASN A 169 -5.38 0.73 -21.46
C ASN A 169 -4.25 0.03 -22.22
N MET A 170 -4.31 -1.31 -22.33
N MET A 170 -4.30 -1.31 -22.33
CA MET A 170 -3.40 -2.06 -23.18
CA MET A 170 -3.36 -2.01 -23.18
C MET A 170 -3.96 -2.01 -24.59
C MET A 170 -3.93 -2.02 -24.58
N THR A 171 -3.11 -1.63 -25.56
CA THR A 171 -3.59 -1.36 -26.92
C THR A 171 -3.81 -2.63 -27.74
N ARG A 172 -4.55 -2.49 -28.85
CA ARG A 172 -4.76 -3.60 -29.81
C ARG A 172 -3.46 -4.29 -30.20
N LYS A 173 -2.49 -3.46 -30.63
CA LYS A 173 -1.18 -3.96 -31.04
C LYS A 173 -0.46 -4.69 -29.90
N GLU A 174 -0.51 -4.13 -28.68
CA GLU A 174 0.16 -4.76 -27.54
C GLU A 174 -0.46 -6.13 -27.21
N ARG A 175 -1.78 -6.21 -27.26
CA ARG A 175 -2.50 -7.45 -26.97
C ARG A 175 -2.19 -8.61 -27.92
N LYS A 176 -1.88 -8.33 -29.18
N LYS A 176 -1.89 -8.35 -29.19
CA LYS A 176 -1.56 -9.40 -30.14
CA LYS A 176 -1.55 -9.45 -30.12
C LYS A 176 -0.08 -9.85 -30.12
C LYS A 176 -0.04 -9.77 -30.25
N MET A 177 0.83 -9.07 -29.52
CA MET A 177 2.27 -9.43 -29.50
C MET A 177 2.52 -10.76 -28.75
N LYS A 178 3.52 -11.51 -29.19
CA LYS A 178 3.92 -12.74 -28.49
C LYS A 178 5.40 -12.60 -28.16
N TRP A 179 5.81 -13.18 -27.04
CA TRP A 179 7.15 -12.99 -26.50
C TRP A 179 7.68 -14.39 -26.15
N ASN A 180 8.66 -14.88 -26.93
CA ASN A 180 9.29 -16.17 -26.68
C ASN A 180 10.15 -16.02 -25.44
N PRO A 181 9.83 -16.71 -24.33
CA PRO A 181 10.59 -16.54 -23.08
C PRO A 181 12.09 -16.92 -23.16
N GLU A 182 12.47 -17.80 -24.06
CA GLU A 182 13.90 -18.11 -24.29
C GLU A 182 14.66 -16.93 -24.89
N GLU A 183 13.95 -15.99 -25.51
CA GLU A 183 14.58 -14.83 -26.17
C GLU A 183 14.81 -13.62 -25.22
N TYR A 184 14.13 -13.62 -24.06
CA TYR A 184 14.14 -12.46 -23.13
C TYR A 184 14.58 -12.86 -21.68
N LYS A 185 15.53 -13.79 -21.56
CA LYS A 185 15.98 -14.27 -20.24
C LYS A 185 16.77 -13.22 -19.45
N GLU A 186 17.60 -12.40 -20.13
CA GLU A 186 18.44 -11.43 -19.45
C GLU A 186 17.63 -10.16 -19.16
N TRP A 187 17.39 -9.89 -17.89
CA TRP A 187 16.78 -8.61 -17.47
C TRP A 187 17.67 -7.39 -17.83
N TRP A 188 17.02 -6.28 -18.14
CA TRP A 188 17.59 -4.93 -18.29
C TRP A 188 18.34 -4.69 -19.59
N THR A 189 18.23 -5.61 -20.56
CA THR A 189 18.68 -5.31 -21.91
C THR A 189 17.68 -4.32 -22.55
N PRO A 190 18.11 -3.61 -23.62
CA PRO A 190 17.14 -2.70 -24.24
C PRO A 190 15.90 -3.41 -24.76
N LYS A 191 16.06 -4.58 -25.37
CA LYS A 191 14.91 -5.30 -25.88
C LYS A 191 14.01 -5.81 -24.75
N TRP A 192 14.60 -6.24 -23.64
CA TRP A 192 13.76 -6.69 -22.48
C TRP A 192 12.91 -5.53 -21.92
N TYR A 193 13.54 -4.36 -21.72
CA TYR A 193 12.83 -3.20 -21.15
C TYR A 193 11.64 -2.78 -22.05
N GLU A 194 11.87 -2.69 -23.36
CA GLU A 194 10.78 -2.39 -24.31
C GLU A 194 9.65 -3.43 -24.16
N ALA A 195 10.05 -4.72 -24.06
CA ALA A 195 9.03 -5.80 -23.96
C ALA A 195 8.19 -5.65 -22.67
N ILE A 196 8.84 -5.33 -21.56
CA ILE A 196 8.13 -5.07 -20.31
C ILE A 196 7.16 -3.90 -20.48
N ALA A 197 7.64 -2.81 -21.10
CA ALA A 197 6.84 -1.62 -21.31
C ALA A 197 5.56 -1.92 -22.12
N LYS A 198 5.70 -2.78 -23.13
CA LYS A 198 4.59 -3.20 -23.99
C LYS A 198 3.73 -4.33 -23.47
N GLY A 199 4.08 -4.86 -22.31
CA GLY A 199 3.19 -5.83 -21.61
C GLY A 199 3.54 -7.31 -21.58
N MET A 200 4.80 -7.63 -21.78
CA MET A 200 5.25 -9.01 -21.77
C MET A 200 4.85 -9.76 -20.50
N PHE A 201 5.04 -9.12 -19.34
CA PHE A 201 4.67 -9.82 -18.07
C PHE A 201 3.17 -9.81 -17.79
N VAL A 202 2.43 -8.85 -18.36
CA VAL A 202 0.97 -8.94 -18.33
C VAL A 202 0.49 -10.23 -19.04
N LYS A 203 0.99 -10.47 -20.25
CA LYS A 203 0.64 -11.68 -21.04
C LYS A 203 1.07 -12.97 -20.30
N ARG A 204 2.27 -12.95 -19.69
CA ARG A 204 2.79 -14.07 -18.92
C ARG A 204 1.83 -14.45 -17.80
N ASP A 205 1.30 -13.45 -17.12
CA ASP A 205 0.51 -13.69 -15.92
C ASP A 205 -1.00 -13.68 -16.18
N LEU A 206 -1.40 -13.49 -17.44
CA LEU A 206 -2.81 -13.31 -17.81
C LEU A 206 -3.71 -14.42 -17.27
N LYS A 207 -3.33 -15.69 -17.44
CA LYS A 207 -4.27 -16.81 -17.13
C LYS A 207 -4.61 -16.92 -15.66
N ASP A 208 -3.59 -16.80 -14.80
CA ASP A 208 -3.77 -17.01 -13.36
C ASP A 208 -3.90 -15.70 -12.56
N GLY A 209 -3.72 -14.58 -13.23
CA GLY A 209 -3.87 -13.26 -12.58
C GLY A 209 -2.58 -12.45 -12.37
N GLN A 210 -2.77 -11.16 -12.26
CA GLN A 210 -1.67 -10.21 -12.11
C GLN A 210 -1.10 -10.24 -10.69
N MET A 211 0.22 -10.08 -10.58
CA MET A 211 0.91 -10.12 -9.30
C MET A 211 0.57 -8.91 -8.47
N SER A 212 0.49 -9.10 -7.15
CA SER A 212 0.23 -7.99 -6.19
C SER A 212 1.14 -8.13 -5.00
N ARG A 213 2.04 -7.14 -4.80
CA ARG A 213 2.89 -7.08 -3.63
C ARG A 213 2.55 -5.83 -2.79
N ASP A 214 3.39 -4.80 -2.75
CA ASP A 214 3.03 -3.58 -2.03
C ASP A 214 1.69 -3.05 -2.60
N MET A 215 0.82 -2.58 -1.69
CA MET A 215 -0.55 -2.17 -2.06
C MET A 215 -1.18 -1.14 -1.12
N THR A 216 -2.25 -0.51 -1.63
CA THR A 216 -3.13 0.28 -0.83
C THR A 216 -4.55 0.24 -1.39
N LEU A 217 -5.42 0.95 -0.69
CA LEU A 217 -6.87 1.08 -1.03
C LEU A 217 -7.28 2.54 -1.05
N PHE A 218 -8.28 2.86 -1.86
CA PHE A 218 -8.86 4.22 -1.85
C PHE A 218 -10.35 4.17 -2.17
N VAL A 219 -11.15 4.80 -1.30
CA VAL A 219 -12.60 4.98 -1.55
C VAL A 219 -12.86 6.38 -2.18
N ASP A 220 -13.36 6.36 -3.39
CA ASP A 220 -13.62 7.60 -4.15
C ASP A 220 -14.97 8.24 -3.75
N ASP A 221 -15.21 9.43 -4.26
CA ASP A 221 -16.38 10.23 -3.86
C ASP A 221 -17.73 9.67 -4.36
N ASP A 222 -17.70 8.79 -5.36
CA ASP A 222 -18.86 8.06 -5.85
C ASP A 222 -19.14 6.72 -5.13
N GLY A 223 -18.35 6.43 -4.08
CA GLY A 223 -18.48 5.17 -3.33
C GLY A 223 -17.73 3.99 -3.94
N LYS A 224 -17.13 4.19 -5.13
CA LYS A 224 -16.33 3.13 -5.75
C LYS A 224 -14.98 3.06 -5.04
N ALA A 225 -14.56 1.84 -4.73
CA ALA A 225 -13.24 1.60 -4.12
C ALA A 225 -12.25 1.00 -5.14
N TYR A 226 -10.96 1.31 -4.93
CA TYR A 226 -9.87 0.88 -5.80
C TYR A 226 -8.74 0.24 -4.99
N HIS A 227 -8.22 -0.84 -5.57
CA HIS A 227 -7.02 -1.59 -5.09
C HIS A 227 -5.82 -1.19 -6.00
N ILE A 228 -4.81 -0.57 -5.39
CA ILE A 228 -3.64 0.00 -6.08
C ILE A 228 -2.45 -0.87 -5.65
N TYR A 229 -1.72 -1.45 -6.59
CA TYR A 229 -0.64 -2.39 -6.21
C TYR A 229 0.54 -2.46 -7.17
N SER A 230 1.70 -2.85 -6.63
N SER A 230 1.71 -2.84 -6.64
CA SER A 230 2.89 -3.11 -7.43
CA SER A 230 2.88 -3.07 -7.46
C SER A 230 2.74 -4.52 -8.06
C SER A 230 2.78 -4.49 -8.06
N SER A 231 2.85 -4.58 -9.38
CA SER A 231 2.58 -5.80 -10.18
C SER A 231 3.74 -6.13 -11.15
N GLU A 232 3.60 -7.19 -11.96
CA GLU A 232 4.59 -7.51 -12.99
C GLU A 232 6.04 -7.57 -12.41
N ASP A 233 6.25 -8.43 -11.42
CA ASP A 233 7.56 -8.60 -10.76
C ASP A 233 8.02 -7.25 -10.13
N ASN A 234 7.04 -6.50 -9.58
CA ASN A 234 7.22 -5.17 -8.97
C ASN A 234 7.51 -4.03 -9.98
N LEU A 235 7.56 -4.33 -11.27
CA LEU A 235 8.00 -3.35 -12.28
C LEU A 235 6.97 -2.26 -12.63
N THR A 236 5.68 -2.55 -12.42
CA THR A 236 4.60 -1.71 -13.00
C THR A 236 3.51 -1.58 -11.96
N LEU A 237 2.92 -0.37 -11.81
CA LEU A 237 1.76 -0.19 -10.91
C LEU A 237 0.47 -0.55 -11.66
N GLN A 238 -0.48 -1.18 -10.94
CA GLN A 238 -1.84 -1.40 -11.47
C GLN A 238 -2.89 -0.84 -10.52
N ILE A 239 -4.01 -0.34 -11.10
CA ILE A 239 -5.15 0.22 -10.35
C ILE A 239 -6.38 -0.54 -10.80
N ALA A 240 -7.03 -1.25 -9.87
CA ALA A 240 -8.16 -2.17 -10.15
C ALA A 240 -9.43 -1.78 -9.37
N GLU A 241 -10.52 -1.60 -10.08
CA GLU A 241 -11.83 -1.36 -9.46
C GLU A 241 -12.32 -2.57 -8.62
N LEU A 242 -12.86 -2.30 -7.44
CA LEU A 242 -13.53 -3.32 -6.59
C LEU A 242 -15.05 -3.38 -6.86
N ALA A 243 -15.62 -4.56 -6.64
CA ALA A 243 -17.07 -4.78 -6.62
C ALA A 243 -17.78 -3.94 -5.56
N ASP A 244 -19.10 -3.82 -5.65
CA ASP A 244 -19.87 -2.96 -4.76
C ASP A 244 -19.82 -3.31 -3.26
N ASP A 245 -19.46 -4.55 -2.92
CA ASP A 245 -19.29 -4.96 -1.50
C ASP A 245 -17.81 -4.90 -1.03
N TYR A 246 -16.93 -4.51 -1.94
CA TYR A 246 -15.48 -4.38 -1.72
C TYR A 246 -14.77 -5.72 -1.52
N LEU A 247 -15.42 -6.84 -1.81
CA LEU A 247 -14.83 -8.15 -1.49
C LEU A 247 -14.16 -8.87 -2.66
N SER A 248 -14.24 -8.29 -3.86
CA SER A 248 -13.64 -8.88 -5.06
C SER A 248 -13.39 -7.79 -6.09
N HIS A 249 -12.71 -8.15 -7.17
CA HIS A 249 -12.39 -7.22 -8.28
C HIS A 249 -13.42 -7.36 -9.41
N THR A 250 -13.69 -6.28 -10.17
CA THR A 250 -14.66 -6.33 -11.27
C THR A 250 -14.12 -6.81 -12.64
N GLY A 251 -12.81 -6.73 -12.82
CA GLY A 251 -12.16 -6.95 -14.12
C GLY A 251 -11.67 -5.69 -14.80
N LYS A 252 -12.10 -4.53 -14.31
CA LYS A 252 -11.72 -3.25 -14.90
C LYS A 252 -10.47 -2.75 -14.16
N TYR A 253 -9.38 -2.56 -14.91
CA TYR A 253 -8.12 -2.07 -14.33
C TYR A 253 -7.23 -1.42 -15.37
N ILE A 254 -6.28 -0.59 -14.89
CA ILE A 254 -5.25 0.03 -15.74
C ILE A 254 -3.83 -0.33 -15.22
N ARG A 255 -2.83 -0.14 -16.08
CA ARG A 255 -1.43 -0.29 -15.72
C ARG A 255 -0.71 1.03 -16.04
N ILE A 256 0.16 1.48 -15.14
CA ILE A 256 0.84 2.76 -15.28
C ILE A 256 2.31 2.66 -14.89
N PHE A 257 3.12 3.53 -15.49
CA PHE A 257 4.58 3.55 -15.25
C PHE A 257 5.26 2.20 -15.41
N PRO A 258 5.04 1.54 -16.57
CA PRO A 258 5.69 0.25 -16.73
C PRO A 258 7.23 0.30 -16.77
N GLY A 259 7.83 -0.55 -15.96
CA GLY A 259 9.26 -0.54 -15.79
C GLY A 259 9.80 0.48 -14.78
N GLY A 260 8.91 1.29 -14.21
CA GLY A 260 9.29 2.35 -13.25
C GLY A 260 9.67 1.94 -11.83
N HIS A 261 9.33 0.71 -11.44
CA HIS A 261 9.69 0.15 -10.12
C HIS A 261 9.14 1.03 -8.96
N ASN A 262 7.91 1.55 -9.11
CA ASN A 262 7.23 2.25 -8.03
C ASN A 262 6.63 1.26 -7.02
N GLU A 263 6.78 1.62 -5.74
N GLU A 263 6.84 1.47 -5.72
CA GLU A 263 6.44 0.75 -4.60
CA GLU A 263 6.16 0.62 -4.70
C GLU A 263 5.76 1.55 -3.48
C GLU A 263 5.78 1.49 -3.51
N ALA A 264 5.31 0.87 -2.42
CA ALA A 264 4.80 1.57 -1.24
C ALA A 264 3.81 2.72 -1.53
N PRO A 265 2.78 2.45 -2.35
CA PRO A 265 1.88 3.56 -2.75
C PRO A 265 1.03 4.15 -1.62
N ALA A 266 0.88 5.48 -1.61
CA ALA A 266 0.01 6.22 -0.72
C ALA A 266 -0.71 7.27 -1.59
N ILE A 267 -2.00 7.43 -1.35
CA ILE A 267 -2.90 8.20 -2.26
C ILE A 267 -3.92 9.07 -1.53
N PHE A 268 -4.21 10.23 -2.10
CA PHE A 268 -5.32 11.10 -1.69
C PHE A 268 -5.91 11.87 -2.86
N LYS A 269 -7.06 12.49 -2.62
CA LYS A 269 -7.74 13.32 -3.62
C LYS A 269 -8.06 14.67 -2.98
N LYS A 270 -7.76 15.76 -3.70
CA LYS A 270 -8.02 17.12 -3.23
C LYS A 270 -8.55 17.99 -4.36
N GLU A 271 -9.73 18.58 -4.16
CA GLU A 271 -10.33 19.50 -5.15
C GLU A 271 -10.33 18.95 -6.58
N GLY A 272 -10.74 17.68 -6.71
CA GLY A 272 -10.79 17.01 -8.02
C GLY A 272 -9.60 16.23 -8.52
N THR A 273 -8.44 16.46 -7.91
CA THR A 273 -7.17 15.95 -8.41
C THR A 273 -6.64 14.83 -7.50
N TYR A 274 -6.21 13.75 -8.14
CA TYR A 274 -5.59 12.60 -7.45
C TYR A 274 -4.06 12.80 -7.34
N TRP A 275 -3.54 12.49 -6.15
CA TRP A 275 -2.11 12.63 -5.84
C TRP A 275 -1.63 11.32 -5.18
N MET A 276 -0.58 10.73 -5.74
CA MET A 276 -0.02 9.49 -5.17
C MET A 276 1.49 9.66 -4.93
N ILE A 277 1.94 9.20 -3.77
CA ILE A 277 3.38 9.17 -3.42
C ILE A 277 3.83 7.73 -3.37
N THR A 278 4.99 7.48 -3.98
CA THR A 278 5.61 6.17 -4.03
C THR A 278 7.09 6.24 -3.69
N SER A 279 7.68 5.08 -3.39
CA SER A 279 9.15 4.92 -3.31
C SER A 279 9.64 4.20 -4.56
N GLY A 280 10.96 4.18 -4.76
CA GLY A 280 11.56 3.20 -5.65
C GLY A 280 11.71 1.83 -4.99
N CYS A 281 12.46 0.96 -5.65
CA CYS A 281 12.63 -0.45 -5.25
C CYS A 281 14.09 -0.72 -4.89
N THR A 282 14.44 -0.46 -3.63
CA THR A 282 15.81 -0.68 -3.13
C THR A 282 15.84 -1.42 -1.80
N GLY A 283 15.07 -2.51 -1.69
CA GLY A 283 15.04 -3.29 -0.45
C GLY A 283 14.59 -2.43 0.71
N TRP A 284 15.23 -2.61 1.87
CA TRP A 284 14.97 -1.83 3.06
C TRP A 284 15.61 -0.43 3.04
N ASP A 285 16.45 -0.16 2.04
CA ASP A 285 17.19 1.10 1.99
C ASP A 285 16.25 2.22 1.55
N PRO A 286 16.30 3.38 2.24
CA PRO A 286 15.54 4.54 1.80
C PRO A 286 16.04 5.03 0.44
N ASN A 287 15.12 5.63 -0.34
CA ASN A 287 15.44 6.18 -1.66
C ASN A 287 14.60 7.45 -1.90
N LYS A 288 14.68 8.04 -3.11
CA LYS A 288 14.00 9.27 -3.45
C LYS A 288 12.53 9.01 -3.73
N ALA A 289 11.65 9.72 -3.03
CA ALA A 289 10.18 9.58 -3.27
C ALA A 289 9.79 10.15 -4.62
N ARG A 290 8.70 9.61 -5.20
CA ARG A 290 8.11 10.11 -6.44
C ARG A 290 6.70 10.65 -6.11
N LEU A 291 6.29 11.67 -6.86
CA LEU A 291 4.91 12.20 -6.85
C LEU A 291 4.23 11.90 -8.19
N LEU A 292 3.05 11.27 -8.14
CA LEU A 292 2.28 10.94 -9.34
C LEU A 292 0.90 11.62 -9.27
N THR A 293 0.37 12.03 -10.41
CA THR A 293 -0.95 12.72 -10.45
C THR A 293 -1.81 12.35 -11.66
N ALA A 294 -3.14 12.42 -11.45
CA ALA A 294 -4.15 12.25 -12.49
C ALA A 294 -5.40 13.09 -12.19
N ASP A 295 -6.16 13.37 -13.25
CA ASP A 295 -7.49 14.01 -13.10
C ASP A 295 -8.68 13.07 -13.16
N SER A 296 -8.41 11.77 -13.31
N SER A 296 -8.40 11.77 -13.24
CA SER A 296 -9.43 10.69 -13.21
CA SER A 296 -9.42 10.72 -13.13
C SER A 296 -8.67 9.44 -12.76
C SER A 296 -8.67 9.45 -12.75
N MET A 297 -9.27 8.63 -11.88
CA MET A 297 -8.58 7.50 -11.28
C MET A 297 -8.06 6.52 -12.33
N LEU A 298 -8.91 6.18 -13.30
CA LEU A 298 -8.54 5.25 -14.38
C LEU A 298 -8.09 5.94 -15.67
N GLY A 299 -7.72 7.21 -15.57
CA GLY A 299 -7.15 7.96 -16.72
C GLY A 299 -5.64 7.90 -16.80
N GLU A 300 -5.04 8.78 -17.60
CA GLU A 300 -3.60 8.89 -17.68
C GLU A 300 -2.97 9.59 -16.50
N TRP A 301 -1.87 9.02 -15.99
CA TRP A 301 -1.08 9.57 -14.89
C TRP A 301 0.28 10.16 -15.36
N LYS A 302 0.79 11.13 -14.57
CA LYS A 302 2.03 11.89 -14.86
C LYS A 302 2.94 11.85 -13.63
N GLN A 303 4.25 11.84 -13.85
CA GLN A 303 5.23 11.85 -12.79
C GLN A 303 5.81 13.25 -12.58
N LEU A 304 5.76 13.71 -11.34
CA LEU A 304 6.32 15.00 -10.89
C LEU A 304 7.55 14.85 -9.96
N PRO A 305 8.28 15.98 -9.68
CA PRO A 305 9.47 15.85 -8.80
C PRO A 305 9.16 15.40 -7.38
N ASN A 306 10.20 14.87 -6.72
CA ASN A 306 10.15 14.40 -5.31
C ASN A 306 9.40 15.44 -4.47
N PRO A 307 8.33 15.03 -3.77
CA PRO A 307 7.56 16.00 -2.98
C PRO A 307 8.26 16.42 -1.68
N CYS A 308 9.26 15.66 -1.23
CA CYS A 308 10.02 16.03 -0.02
C CYS A 308 10.99 17.16 -0.31
N VAL A 309 11.14 18.11 0.62
CA VAL A 309 12.05 19.28 0.48
C VAL A 309 12.90 19.46 1.74
N GLY A 310 14.15 19.94 1.62
CA GLY A 310 15.01 20.19 2.80
C GLY A 310 16.00 19.08 3.03
N GLU A 311 16.74 19.14 4.14
CA GLU A 311 17.85 18.19 4.38
C GLU A 311 17.38 16.74 4.36
N ASP A 312 18.08 15.87 3.65
CA ASP A 312 17.74 14.44 3.58
C ASP A 312 16.43 14.14 2.83
N ALA A 313 15.91 15.13 2.10
CA ALA A 313 14.75 14.91 1.21
C ALA A 313 15.07 13.85 0.12
N ASP A 314 16.33 13.80 -0.31
CA ASP A 314 16.81 12.79 -1.27
C ASP A 314 16.64 11.33 -0.83
N LYS A 315 16.47 11.10 0.48
CA LYS A 315 16.24 9.77 1.01
C LYS A 315 14.90 9.70 1.74
N THR A 316 13.95 10.57 1.40
CA THR A 316 12.63 10.62 2.03
C THR A 316 12.76 10.68 3.58
N PHE A 317 13.72 11.48 4.06
CA PHE A 317 13.95 11.66 5.51
C PHE A 317 14.32 10.35 6.26
N GLY A 318 14.86 9.38 5.52
CA GLY A 318 15.22 8.05 6.03
C GLY A 318 14.04 7.07 6.07
N GLY A 319 12.91 7.48 5.47
CA GLY A 319 11.67 6.70 5.49
C GLY A 319 11.21 6.12 4.14
N GLN A 320 10.05 5.44 4.21
CA GLN A 320 9.34 4.91 3.05
C GLN A 320 7.84 5.10 3.27
N SER A 321 7.16 5.75 2.34
CA SER A 321 5.72 5.97 2.38
C SER A 321 4.87 4.77 2.83
N THR A 322 3.81 5.04 3.60
CA THR A 322 2.77 4.01 3.90
C THR A 322 1.31 4.46 3.73
N TYR A 323 0.98 5.71 4.02
CA TYR A 323 -0.43 6.15 3.99
C TYR A 323 -0.53 7.67 3.99
N ILE A 324 -1.62 8.19 3.43
CA ILE A 324 -1.96 9.60 3.56
C ILE A 324 -3.33 9.71 4.23
N LEU A 325 -3.33 10.29 5.45
CA LEU A 325 -4.55 10.46 6.28
C LEU A 325 -5.22 11.80 5.97
N PRO A 326 -6.47 11.78 5.47
CA PRO A 326 -7.21 13.05 5.37
C PRO A 326 -7.88 13.42 6.71
N LEU A 327 -7.95 14.72 7.01
CA LEU A 327 -8.79 15.26 8.09
C LEU A 327 -9.81 16.19 7.40
N PRO A 328 -10.93 15.65 6.90
CA PRO A 328 -11.83 16.41 5.99
C PRO A 328 -12.47 17.62 6.63
N GLU A 329 -12.74 17.54 7.93
CA GLU A 329 -13.20 18.68 8.71
C GLU A 329 -12.31 19.91 8.75
N LYS A 330 -11.01 19.73 8.47
CA LYS A 330 -10.05 20.80 8.33
C LYS A 330 -9.54 21.06 6.93
N GLY A 331 -9.94 20.25 5.95
CA GLY A 331 -9.31 20.24 4.63
C GLY A 331 -7.80 20.01 4.62
N GLN A 332 -7.34 19.19 5.55
CA GLN A 332 -5.91 18.89 5.71
C GLN A 332 -5.60 17.43 5.39
N PHE A 333 -4.28 17.17 5.21
CA PHE A 333 -3.75 15.84 4.89
C PHE A 333 -2.42 15.64 5.56
N PHE A 334 -2.15 14.41 6.02
CA PHE A 334 -0.86 14.06 6.69
C PHE A 334 -0.22 12.83 6.08
N PHE A 335 1.10 12.93 5.88
CA PHE A 335 1.95 11.90 5.28
C PHE A 335 2.44 10.98 6.39
N MET A 336 2.21 9.67 6.23
CA MET A 336 2.69 8.63 7.15
C MET A 336 3.71 7.76 6.41
N ALA A 337 4.84 7.52 7.10
CA ALA A 337 5.89 6.67 6.58
C ALA A 337 6.48 5.80 7.68
N ASP A 338 7.17 4.72 7.26
CA ASP A 338 7.96 3.84 8.15
C ASP A 338 9.45 4.20 8.07
N MET A 339 10.16 4.14 9.20
CA MET A 339 11.62 4.25 9.21
C MET A 339 12.19 2.86 9.59
N TRP A 340 12.52 2.05 8.57
CA TRP A 340 12.76 0.63 8.78
C TRP A 340 14.13 0.37 9.42
N ARG A 341 14.16 -0.55 10.40
CA ARG A 341 15.41 -1.06 11.02
C ARG A 341 15.48 -2.56 10.75
N PRO A 342 16.04 -2.95 9.62
CA PRO A 342 15.96 -4.38 9.20
C PRO A 342 16.62 -5.39 10.17
N LYS A 343 17.61 -4.93 10.94
CA LYS A 343 18.27 -5.76 11.95
C LYS A 343 17.40 -5.99 13.23
N SER A 344 16.32 -5.22 13.35
N SER A 344 16.46 -5.09 13.53
CA SER A 344 15.45 -5.23 14.52
CA SER A 344 15.37 -5.35 14.53
C SER A 344 14.09 -4.67 14.14
C SER A 344 14.11 -4.66 14.08
N LEU A 345 13.30 -5.38 13.31
CA LEU A 345 12.13 -4.73 12.69
C LEU A 345 11.12 -4.12 13.66
N ALA A 346 10.92 -4.72 14.85
CA ALA A 346 10.03 -4.13 15.87
C ALA A 346 10.51 -2.75 16.38
N ASP A 347 11.82 -2.47 16.25
CA ASP A 347 12.39 -1.16 16.62
C ASP A 347 12.21 -0.11 15.49
N SER A 348 11.68 -0.52 14.33
CA SER A 348 11.37 0.45 13.25
C SER A 348 10.42 1.57 13.77
N ARG A 349 10.66 2.79 13.31
CA ARG A 349 10.02 4.02 13.81
C ARG A 349 8.98 4.55 12.81
N TYR A 350 8.30 5.62 13.18
CA TYR A 350 7.23 6.21 12.37
C TYR A 350 7.55 7.67 12.05
N ILE A 351 7.35 8.08 10.79
CA ILE A 351 7.46 9.49 10.37
C ILE A 351 6.07 9.99 9.96
N TRP A 352 5.54 10.96 10.70
CA TRP A 352 4.26 11.58 10.38
C TRP A 352 4.51 13.09 10.25
N LEU A 353 4.12 13.66 9.09
CA LEU A 353 4.38 15.08 8.77
C LEU A 353 3.16 15.67 8.01
N PRO A 354 2.80 16.93 8.27
CA PRO A 354 1.73 17.58 7.46
C PRO A 354 2.11 17.67 5.97
N VAL A 355 1.12 17.49 5.11
CA VAL A 355 1.25 17.86 3.71
C VAL A 355 0.93 19.35 3.53
N GLN A 356 1.87 20.07 2.92
CA GLN A 356 1.71 21.48 2.57
C GLN A 356 1.46 21.59 1.07
N PHE A 357 0.95 22.74 0.62
CA PHE A 357 0.65 22.95 -0.80
C PHE A 357 1.24 24.26 -1.31
N ASP A 358 1.84 24.23 -2.51
CA ASP A 358 2.48 25.40 -3.09
C ASP A 358 1.47 26.26 -3.81
N ASP A 359 2.00 27.31 -4.46
CA ASP A 359 1.21 28.31 -5.18
C ASP A 359 0.32 27.76 -6.29
N LYS A 360 0.73 26.63 -6.88
CA LYS A 360 0.00 25.96 -7.94
C LYS A 360 -0.84 24.78 -7.44
N GLY A 361 -0.99 24.63 -6.11
CA GLY A 361 -1.69 23.52 -5.48
C GLY A 361 -1.00 22.15 -5.39
N VAL A 362 0.29 22.11 -5.72
N VAL A 362 0.31 22.13 -5.70
CA VAL A 362 0.99 20.81 -5.73
CA VAL A 362 1.07 20.87 -5.71
C VAL A 362 1.61 20.52 -4.35
C VAL A 362 1.53 20.58 -4.27
N PRO A 363 1.33 19.32 -3.80
CA PRO A 363 1.74 19.00 -2.43
C PRO A 363 3.26 18.89 -2.27
N PHE A 364 3.75 19.37 -1.13
CA PHE A 364 5.15 19.16 -0.71
C PHE A 364 5.22 18.84 0.77
N ILE A 365 6.35 18.27 1.22
CA ILE A 365 6.46 17.79 2.62
C ILE A 365 7.80 18.26 3.23
N LYS A 366 7.75 19.03 4.34
CA LYS A 366 8.93 19.44 5.14
C LYS A 366 9.02 18.66 6.45
N TRP A 367 10.26 18.32 6.87
CA TRP A 367 10.53 17.72 8.19
C TRP A 367 10.41 18.76 9.29
N MET A 368 9.72 18.37 10.38
CA MET A 368 9.70 19.07 11.66
C MET A 368 9.94 18.04 12.77
N ASP A 369 10.87 18.35 13.70
CA ASP A 369 11.17 17.45 14.84
C ASP A 369 9.93 17.19 15.70
N ARG A 370 9.12 18.23 15.90
CA ARG A 370 7.94 18.14 16.75
C ARG A 370 6.90 19.09 16.19
N TRP A 371 5.67 18.61 16.04
CA TRP A 371 4.55 19.48 15.63
C TRP A 371 3.27 18.99 16.23
N ASN A 372 2.24 19.85 16.21
CA ASN A 372 0.96 19.55 16.84
C ASN A 372 -0.16 19.73 15.86
N PHE A 373 -1.19 18.90 15.97
CA PHE A 373 -2.43 19.10 15.22
C PHE A 373 -3.13 20.39 15.65
N ASP A 374 -3.91 20.97 14.75
CA ASP A 374 -4.81 22.05 15.13
C ASP A 374 -5.95 21.39 15.90
C1 GIM B . 9.83 -3.89 0.30
C2 GIM B . 8.44 -3.54 0.67
N10 GIM B . 10.64 -4.74 0.96
C3 GIM B . 8.17 -3.97 2.12
C4 GIM B . 8.74 -5.40 2.36
C5 GIM B . 10.27 -5.39 2.25
C6 GIM B . 10.88 -6.79 2.36
C7 GIM B . 11.72 -4.01 -0.84
C8 GIM B . 11.82 -4.81 0.28
N1 GIM B . 10.48 -3.46 -0.81
O3 GIM B . 6.76 -3.98 2.40
O2 GIM B . 8.21 -2.16 0.31
O4 GIM B . 8.19 -6.40 1.46
O6 GIM B . 10.56 -7.57 1.22
#